data_9C1R
#
_entry.id   9C1R
#
_cell.length_a   38.604
_cell.length_b   62.248
_cell.length_c   113.285
_cell.angle_alpha   90.000
_cell.angle_beta   90.000
_cell.angle_gamma   90.000
#
_symmetry.space_group_name_H-M   'P 21 21 21'
#
loop_
_entity.id
_entity.type
_entity.pdbx_description
1 polymer 'Hepatocyte growth factor receptor'
2 non-polymer GLYCEROL
3 non-polymer N-(2,5-difluoro-4-{[(1s,3S)-3-(1-methyl-1H-pyrazol-3-yl)cyclobutyl][(8R)-pyrazolo[1,5-a]pyrazin-4-yl]amino}phenyl)-2-(5-fluoropyridin-2-yl)-3-oxo-2,3-dihydropyridazine-4-carboxamide
4 water water
#
_entity_poly.entity_id   1
_entity_poly.type   'polypeptide(L)'
_entity_poly.pdbx_seq_one_letter_code
;MQNTVHIDLSALNPELVQAVQHVVIGPSSLIVHFNEVIGRGHFGCVYHGTLLDNDGKKIHCAVKSLNRITDIGEVSQFLT
EGIIMKDFSHPNVLSLLGICLRSEGSPLVVLPYMKHGDLRNFIRNETHNPTVKDLIGFGLQVAKGMKYLASKKFVHRDLA
ARNCMLDEKFTVKVADFGLARNMYDKEYYSVHNKTGAKLPVKWMALESLQTQKFTTKSDVWSFGVLLWELMTRGAPPYPD
VNTFDITVYLLQGRRLLQPEYCPDPLYEVMLKCWHPKAEMRPSFSELVSRISAIFSTFIGEHHHHHH
;
_entity_poly.pdbx_strand_id   A
#
loop_
_chem_comp.id
_chem_comp.type
_chem_comp.name
_chem_comp.formula
A1ATS non-polymer N-(2,5-difluoro-4-{[(1s,3S)-3-(1-methyl-1H-pyrazol-3-yl)cyclobutyl][(8R)-pyrazolo[1,5-a]pyrazin-4-yl]amino}phenyl)-2-(5-fluoropyridin-2-yl)-3-oxo-2,3-dihydropyridazine-4-carboxamide 'C30 H23 F3 N10 O2'
GOL non-polymer GLYCEROL 'C3 H8 O3'
#
# COMPACT_ATOMS: atom_id res chain seq x y z
N MET A 1 35.83 -2.96 -3.80
CA MET A 1 34.72 -3.83 -4.19
C MET A 1 33.37 -3.32 -3.71
N GLN A 2 32.35 -3.43 -4.56
CA GLN A 2 31.03 -2.92 -4.21
C GLN A 2 30.45 -3.63 -2.99
N ASN A 3 30.83 -4.89 -2.77
CA ASN A 3 30.30 -5.63 -1.64
C ASN A 3 31.08 -5.40 -0.34
N THR A 4 32.03 -4.47 -0.34
CA THR A 4 32.76 -4.09 0.87
C THR A 4 32.38 -2.70 1.38
N VAL A 5 31.30 -2.10 0.85
CA VAL A 5 30.90 -0.79 1.36
C VAL A 5 30.59 -0.90 2.84
N HIS A 6 31.06 0.08 3.60
CA HIS A 6 30.79 0.13 5.03
C HIS A 6 30.09 1.44 5.36
N ILE A 7 28.94 1.31 6.03
CA ILE A 7 28.11 2.45 6.37
CA ILE A 7 28.09 2.44 6.38
C ILE A 7 28.48 2.95 7.76
N ASP A 8 28.68 4.26 7.88
CA ASP A 8 28.89 4.88 9.18
C ASP A 8 27.51 5.25 9.73
N LEU A 9 26.98 4.42 10.63
CA LEU A 9 25.67 4.69 11.20
C LEU A 9 25.65 6.00 11.98
N SER A 10 26.79 6.44 12.53
CA SER A 10 26.77 7.69 13.28
C SER A 10 26.59 8.91 12.38
N ALA A 11 26.62 8.77 11.06
CA ALA A 11 26.31 9.87 10.17
C ALA A 11 24.81 10.10 10.00
N LEU A 12 23.97 9.20 10.48
CA LEU A 12 22.54 9.29 10.25
C LEU A 12 21.86 10.18 11.28
N ASN A 13 20.73 10.75 10.87
CA ASN A 13 19.93 11.60 11.74
C ASN A 13 19.68 10.89 13.08
N PRO A 14 19.77 11.58 14.20
CA PRO A 14 19.66 10.89 15.50
C PRO A 14 18.34 10.18 15.71
N GLU A 15 17.23 10.77 15.29
CA GLU A 15 15.94 10.09 15.45
C GLU A 15 15.85 8.86 14.56
N LEU A 16 16.43 8.94 13.35
CA LEU A 16 16.46 7.79 12.45
C LEU A 16 17.28 6.66 13.05
N VAL A 17 18.48 6.98 13.54
N VAL A 17 18.46 6.96 13.59
CA VAL A 17 19.36 5.98 14.16
CA VAL A 17 19.31 5.88 14.08
C VAL A 17 18.65 5.29 15.31
C VAL A 17 18.72 5.28 15.36
N GLN A 18 18.01 6.07 16.17
CA GLN A 18 17.33 5.51 17.33
C GLN A 18 16.23 4.54 16.90
N ALA A 19 15.48 4.91 15.85
CA ALA A 19 14.41 4.05 15.39
C ALA A 19 14.94 2.76 14.79
N VAL A 20 16.02 2.87 14.00
CA VAL A 20 16.64 1.68 13.40
C VAL A 20 17.15 0.75 14.49
N GLN A 21 17.75 1.30 15.55
CA GLN A 21 18.31 0.46 16.60
C GLN A 21 17.26 -0.37 17.32
N HIS A 22 16.02 0.11 17.36
CA HIS A 22 14.97 -0.66 18.01
C HIS A 22 14.44 -1.81 17.15
N VAL A 23 14.75 -1.86 15.85
CA VAL A 23 14.19 -2.87 14.98
C VAL A 23 15.27 -3.74 14.34
N VAL A 24 16.48 -3.77 14.92
CA VAL A 24 17.59 -4.50 14.30
C VAL A 24 17.31 -6.00 14.27
N ILE A 25 17.65 -6.62 13.15
CA ILE A 25 17.59 -8.06 12.97
C ILE A 25 19.02 -8.57 12.90
N GLY A 26 19.36 -9.54 13.76
CA GLY A 26 20.68 -10.15 13.70
C GLY A 26 20.85 -10.94 12.42
N PRO A 27 22.00 -10.81 11.76
CA PRO A 27 22.21 -11.56 10.51
C PRO A 27 21.98 -13.06 10.65
N SER A 28 22.30 -13.65 11.81
CA SER A 28 22.13 -15.08 12.00
C SER A 28 20.68 -15.51 12.01
N SER A 29 19.73 -14.59 12.10
N SER A 29 19.75 -14.57 12.10
CA SER A 29 18.32 -14.97 12.06
CA SER A 29 18.32 -14.85 12.09
C SER A 29 17.71 -14.82 10.68
C SER A 29 17.71 -14.76 10.70
N LEU A 30 18.49 -14.40 9.68
CA LEU A 30 17.96 -14.07 8.36
C LEU A 30 18.74 -14.78 7.26
N ILE A 31 18.01 -15.43 6.36
CA ILE A 31 18.55 -15.93 5.10
C ILE A 31 17.93 -15.12 3.99
N VAL A 32 18.76 -14.36 3.28
CA VAL A 32 18.31 -13.63 2.10
C VAL A 32 18.51 -14.54 0.91
N HIS A 33 17.43 -14.83 0.20
N HIS A 33 17.43 -14.83 0.20
CA HIS A 33 17.52 -15.69 -1.00
CA HIS A 33 17.50 -15.66 -1.00
C HIS A 33 17.91 -14.79 -2.17
C HIS A 33 17.90 -14.77 -2.16
N PHE A 34 19.21 -14.48 -2.24
CA PHE A 34 19.71 -13.55 -3.24
C PHE A 34 19.46 -14.03 -4.67
N ASN A 35 19.21 -15.32 -4.86
CA ASN A 35 18.91 -15.87 -6.18
C ASN A 35 17.40 -15.97 -6.44
N GLU A 36 16.57 -15.32 -5.62
CA GLU A 36 15.12 -15.39 -5.75
C GLU A 36 14.59 -13.95 -5.71
N VAL A 37 14.54 -13.32 -6.87
CA VAL A 37 14.22 -11.90 -6.96
C VAL A 37 12.71 -11.72 -7.09
N ILE A 38 12.15 -10.87 -6.23
CA ILE A 38 10.74 -10.51 -6.33
C ILE A 38 10.53 -9.35 -7.31
N GLY A 39 11.37 -8.33 -7.22
CA GLY A 39 11.33 -7.22 -8.15
C GLY A 39 12.65 -6.49 -8.12
N ARG A 40 13.01 -5.89 -9.27
CA ARG A 40 14.32 -5.26 -9.41
C ARG A 40 14.17 -3.93 -10.13
N GLY A 41 14.96 -2.94 -9.72
CA GLY A 41 15.03 -1.67 -10.42
C GLY A 41 16.46 -1.19 -10.51
N HIS A 42 16.63 0.01 -11.06
CA HIS A 42 17.97 0.58 -11.18
C HIS A 42 18.66 0.67 -9.83
N PHE A 43 17.95 1.16 -8.82
CA PHE A 43 18.55 1.51 -7.54
C PHE A 43 18.38 0.44 -6.45
N GLY A 44 17.38 -0.42 -6.56
CA GLY A 44 17.09 -1.36 -5.49
C GLY A 44 16.63 -2.70 -6.01
N CYS A 45 16.58 -3.66 -5.10
N CYS A 45 16.62 -3.67 -5.11
CA CYS A 45 16.15 -5.02 -5.43
CA CYS A 45 16.12 -5.00 -5.38
C CYS A 45 15.48 -5.64 -4.21
C CYS A 45 15.34 -5.49 -4.18
N VAL A 46 14.43 -6.44 -4.44
CA VAL A 46 13.68 -7.10 -3.39
C VAL A 46 13.77 -8.59 -3.60
N TYR A 47 14.17 -9.32 -2.56
CA TYR A 47 14.41 -10.75 -2.62
C TYR A 47 13.45 -11.48 -1.69
N HIS A 48 13.18 -12.75 -2.01
CA HIS A 48 12.63 -13.63 -0.99
C HIS A 48 13.60 -13.78 0.16
N GLY A 49 13.06 -13.90 1.37
CA GLY A 49 13.87 -14.13 2.55
C GLY A 49 13.22 -15.14 3.46
N THR A 50 14.05 -15.72 4.33
CA THR A 50 13.58 -16.58 5.40
C THR A 50 14.08 -16.00 6.71
N LEU A 51 13.16 -15.62 7.59
CA LEU A 51 13.49 -15.26 8.95
C LEU A 51 13.30 -16.47 9.85
N LEU A 52 14.21 -16.65 10.80
CA LEU A 52 14.13 -17.71 11.77
C LEU A 52 13.57 -17.13 13.05
N ASP A 53 12.43 -17.63 13.50
CA ASP A 53 11.83 -17.04 14.69
C ASP A 53 12.51 -17.61 15.94
N ASN A 54 12.00 -17.22 17.11
CA ASN A 54 12.75 -17.57 18.31
C ASN A 54 12.62 -19.05 18.67
N ASP A 55 11.84 -19.81 17.92
CA ASP A 55 11.82 -21.26 18.01
C ASP A 55 12.57 -21.91 16.86
N GLY A 56 13.27 -21.13 16.04
CA GLY A 56 13.88 -21.66 14.84
C GLY A 56 12.92 -21.95 13.70
N LYS A 57 11.64 -21.64 13.86
CA LYS A 57 10.67 -21.82 12.78
C LYS A 57 10.79 -20.70 11.76
N LYS A 58 10.28 -20.96 10.56
CA LYS A 58 10.50 -20.08 9.42
C LYS A 58 9.39 -19.04 9.28
N ILE A 59 9.78 -17.82 8.97
CA ILE A 59 8.88 -16.74 8.59
C ILE A 59 9.29 -16.32 7.18
N HIS A 60 8.37 -16.45 6.23
CA HIS A 60 8.63 -15.97 4.88
C HIS A 60 8.60 -14.45 4.86
N CYS A 61 9.64 -13.82 4.30
CA CYS A 61 9.69 -12.37 4.23
C CYS A 61 10.12 -11.91 2.84
N ALA A 62 10.00 -10.60 2.63
CA ALA A 62 10.58 -9.92 1.48
C ALA A 62 11.69 -9.01 2.00
N VAL A 63 12.82 -8.98 1.30
CA VAL A 63 14.02 -8.26 1.78
C VAL A 63 14.41 -7.24 0.72
N LYS A 64 14.34 -5.96 1.08
CA LYS A 64 14.77 -4.88 0.20
C LYS A 64 16.25 -4.59 0.40
N SER A 65 16.94 -4.34 -0.71
CA SER A 65 18.34 -3.96 -0.68
C SER A 65 18.55 -2.79 -1.65
N LEU A 66 19.55 -1.96 -1.34
CA LEU A 66 20.08 -1.08 -2.36
C LEU A 66 21.02 -1.87 -3.27
N ASN A 67 21.16 -1.41 -4.51
CA ASN A 67 22.08 -2.09 -5.39
C ASN A 67 23.49 -1.57 -5.14
N ARG A 68 23.90 -0.54 -5.87
CA ARG A 68 25.19 0.08 -5.62
C ARG A 68 25.00 1.28 -4.69
N ILE A 69 25.85 1.36 -3.66
CA ILE A 69 25.80 2.43 -2.68
C ILE A 69 27.05 3.27 -2.84
N THR A 70 26.87 4.58 -3.06
CA THR A 70 28.02 5.47 -3.14
C THR A 70 27.99 6.63 -2.15
N ASP A 71 26.86 6.93 -1.52
CA ASP A 71 26.85 8.02 -0.56
CA ASP A 71 26.83 8.04 -0.57
C ASP A 71 25.84 7.76 0.55
N ILE A 72 26.07 8.41 1.69
CA ILE A 72 25.26 8.18 2.87
C ILE A 72 23.84 8.67 2.67
N GLY A 73 23.63 9.66 1.79
CA GLY A 73 22.28 10.15 1.56
C GLY A 73 21.35 9.10 1.01
N GLU A 74 21.86 8.27 0.08
CA GLU A 74 21.07 7.15 -0.42
C GLU A 74 20.67 6.22 0.70
N VAL A 75 21.60 5.95 1.62
CA VAL A 75 21.34 5.05 2.72
C VAL A 75 20.31 5.65 3.67
N SER A 76 20.45 6.94 3.97
N SER A 76 20.46 6.95 3.97
CA SER A 76 19.50 7.58 4.87
CA SER A 76 19.51 7.63 4.84
C SER A 76 18.09 7.54 4.29
C SER A 76 18.10 7.55 4.28
N GLN A 77 17.95 7.81 2.99
CA GLN A 77 16.62 7.80 2.39
C GLN A 77 16.02 6.40 2.41
N PHE A 78 16.84 5.39 2.10
CA PHE A 78 16.42 4.00 2.12
C PHE A 78 15.93 3.59 3.51
N LEU A 79 16.70 3.91 4.55
CA LEU A 79 16.29 3.53 5.91
C LEU A 79 15.08 4.33 6.36
N THR A 80 15.01 5.62 6.02
CA THR A 80 13.87 6.43 6.39
C THR A 80 12.59 5.84 5.81
N GLU A 81 12.65 5.37 4.57
CA GLU A 81 11.51 4.74 3.94
C GLU A 81 11.05 3.52 4.72
N GLY A 82 11.98 2.65 5.11
CA GLY A 82 11.60 1.48 5.89
C GLY A 82 10.99 1.85 7.23
N ILE A 83 11.55 2.86 7.90
CA ILE A 83 11.12 3.25 9.24
C ILE A 83 9.75 3.92 9.24
N ILE A 84 9.27 4.38 8.08
CA ILE A 84 7.89 4.86 7.97
C ILE A 84 6.93 3.86 8.59
N MET A 85 7.18 2.57 8.39
CA MET A 85 6.26 1.53 8.79
C MET A 85 6.44 1.10 10.25
N LYS A 86 7.46 1.61 10.94
CA LYS A 86 7.87 1.03 12.20
C LYS A 86 6.74 1.00 13.22
N ASP A 87 5.97 2.09 13.32
CA ASP A 87 4.91 2.17 14.31
C ASP A 87 3.53 1.82 13.73
N PHE A 88 3.47 1.30 12.51
CA PHE A 88 2.21 0.77 11.97
C PHE A 88 1.93 -0.60 12.57
N SER A 89 0.81 -0.72 13.26
CA SER A 89 0.39 -2.01 13.83
C SER A 89 -1.12 -2.16 13.60
N HIS A 90 -1.49 -2.63 12.42
CA HIS A 90 -2.88 -2.84 12.06
C HIS A 90 -2.94 -3.95 11.02
N PRO A 91 -3.95 -4.83 11.09
CA PRO A 91 -4.00 -5.95 10.13
C PRO A 91 -4.08 -5.53 8.67
N ASN A 92 -4.55 -4.31 8.38
CA ASN A 92 -4.71 -3.88 7.00
C ASN A 92 -3.68 -2.84 6.57
N VAL A 93 -2.54 -2.79 7.25
CA VAL A 93 -1.44 -1.88 6.92
C VAL A 93 -0.14 -2.66 6.94
N LEU A 94 0.66 -2.53 5.89
CA LEU A 94 1.92 -3.26 5.83
C LEU A 94 2.86 -2.80 6.94
N SER A 95 3.52 -3.77 7.58
N SER A 95 3.50 -3.76 7.59
CA SER A 95 4.38 -3.54 8.73
CA SER A 95 4.39 -3.50 8.71
C SER A 95 5.83 -3.81 8.37
C SER A 95 5.84 -3.75 8.34
N LEU A 96 6.72 -3.35 9.24
CA LEU A 96 8.16 -3.58 9.14
C LEU A 96 8.54 -4.71 10.10
N LEU A 97 9.21 -5.75 9.58
CA LEU A 97 9.71 -6.78 10.48
C LEU A 97 11.03 -6.36 11.11
N GLY A 98 11.88 -5.66 10.37
CA GLY A 98 13.09 -5.12 10.96
C GLY A 98 14.10 -4.74 9.88
N ILE A 99 15.30 -4.42 10.34
CA ILE A 99 16.38 -3.96 9.48
C ILE A 99 17.65 -4.72 9.86
N CYS A 100 18.29 -5.35 8.88
CA CYS A 100 19.48 -6.15 9.11
C CYS A 100 20.71 -5.39 8.61
N LEU A 101 21.70 -5.21 9.50
CA LEU A 101 22.89 -4.40 9.23
C LEU A 101 24.14 -5.28 9.26
N ARG A 102 24.46 -5.91 8.13
CA ARG A 102 25.70 -6.66 8.03
C ARG A 102 26.88 -5.68 8.07
N SER A 103 28.06 -6.22 8.42
CA SER A 103 29.27 -5.39 8.47
C SER A 103 29.49 -4.67 7.15
N GLU A 104 29.27 -5.36 6.04
CA GLU A 104 29.49 -4.79 4.72
C GLU A 104 28.23 -4.92 3.90
N GLY A 105 28.10 -4.03 2.90
CA GLY A 105 26.98 -4.11 2.00
C GLY A 105 25.78 -3.30 2.43
N SER A 106 24.72 -3.42 1.63
CA SER A 106 23.52 -2.65 1.87
C SER A 106 22.85 -3.09 3.17
N PRO A 107 22.33 -2.13 3.95
CA PRO A 107 21.33 -2.49 4.95
C PRO A 107 20.18 -3.21 4.26
N LEU A 108 19.48 -4.04 5.01
CA LEU A 108 18.39 -4.84 4.47
C LEU A 108 17.11 -4.53 5.22
N VAL A 109 16.07 -4.15 4.48
CA VAL A 109 14.78 -3.81 5.06
C VAL A 109 13.87 -5.02 4.88
N VAL A 110 13.37 -5.57 5.99
CA VAL A 110 12.69 -6.85 5.99
C VAL A 110 11.21 -6.63 6.28
N LEU A 111 10.36 -7.14 5.38
CA LEU A 111 8.92 -6.97 5.39
C LEU A 111 8.23 -8.33 5.37
N PRO A 112 7.02 -8.43 5.92
CA PRO A 112 6.27 -9.69 5.77
C PRO A 112 5.99 -9.96 4.30
N TYR A 113 6.11 -11.24 3.91
CA TYR A 113 5.91 -11.63 2.52
C TYR A 113 4.42 -11.63 2.19
N MET A 114 4.08 -11.08 1.02
CA MET A 114 2.70 -10.99 0.56
C MET A 114 2.55 -11.97 -0.60
N LYS A 115 1.99 -13.15 -0.29
CA LYS A 115 1.94 -14.25 -1.24
C LYS A 115 1.31 -13.86 -2.57
N HIS A 116 0.27 -13.02 -2.55
CA HIS A 116 -0.49 -12.75 -3.76
C HIS A 116 -0.13 -11.42 -4.40
N GLY A 117 0.95 -10.77 -3.94
CA GLY A 117 1.45 -9.59 -4.61
C GLY A 117 0.49 -8.41 -4.50
N ASP A 118 0.55 -7.52 -5.49
CA ASP A 118 -0.26 -6.32 -5.45
C ASP A 118 -1.69 -6.64 -5.83
N LEU A 119 -2.61 -5.87 -5.27
CA LEU A 119 -4.03 -6.15 -5.41
C LEU A 119 -4.52 -5.96 -6.84
N ARG A 120 -3.94 -5.00 -7.57
CA ARG A 120 -4.41 -4.75 -8.93
C ARG A 120 -4.13 -5.95 -9.83
N ASN A 121 -2.89 -6.44 -9.84
CA ASN A 121 -2.59 -7.61 -10.65
C ASN A 121 -3.36 -8.83 -10.17
N PHE A 122 -3.60 -8.94 -8.86
CA PHE A 122 -4.35 -10.09 -8.37
C PHE A 122 -5.77 -10.11 -8.94
N ILE A 123 -6.46 -8.97 -8.92
CA ILE A 123 -7.86 -8.98 -9.37
C ILE A 123 -7.98 -9.00 -10.88
N ARG A 124 -6.92 -8.62 -11.62
CA ARG A 124 -6.96 -8.66 -13.08
C ARG A 124 -6.72 -10.04 -13.65
N ASN A 125 -6.10 -10.92 -12.87
CA ASN A 125 -5.78 -12.27 -13.32
C ASN A 125 -7.05 -13.06 -13.63
N GLU A 126 -7.15 -13.56 -14.87
CA GLU A 126 -8.38 -14.18 -15.32
C GLU A 126 -8.70 -15.48 -14.60
N THR A 127 -7.71 -16.15 -14.01
N THR A 127 -7.70 -16.15 -14.04
CA THR A 127 -8.00 -17.34 -13.21
CA THR A 127 -7.98 -17.31 -13.21
C THR A 127 -8.23 -17.03 -11.73
C THR A 127 -8.59 -16.90 -11.87
N HIS A 128 -8.15 -15.76 -11.34
CA HIS A 128 -8.64 -15.34 -10.02
C HIS A 128 -10.08 -14.86 -10.08
N ASN A 129 -10.44 -14.14 -11.15
CA ASN A 129 -11.77 -13.60 -11.43
C ASN A 129 -12.59 -13.43 -10.17
N PRO A 130 -12.24 -12.49 -9.30
CA PRO A 130 -12.86 -12.43 -7.97
C PRO A 130 -14.34 -12.09 -8.05
N THR A 131 -15.09 -12.65 -7.12
CA THR A 131 -16.51 -12.37 -7.04
C THR A 131 -16.76 -10.94 -6.62
N VAL A 132 -17.97 -10.45 -6.96
CA VAL A 132 -18.41 -9.13 -6.51
C VAL A 132 -18.22 -8.97 -5.01
N LYS A 133 -18.67 -9.95 -4.23
CA LYS A 133 -18.60 -9.78 -2.78
C LYS A 133 -17.16 -9.75 -2.28
N ASP A 134 -16.28 -10.57 -2.85
CA ASP A 134 -14.88 -10.51 -2.41
C ASP A 134 -14.22 -9.18 -2.79
N LEU A 135 -14.59 -8.60 -3.94
CA LEU A 135 -14.09 -7.27 -4.29
C LEU A 135 -14.59 -6.22 -3.32
N ILE A 136 -15.86 -6.28 -2.94
CA ILE A 136 -16.37 -5.39 -1.89
C ILE A 136 -15.59 -5.60 -0.59
N GLY A 137 -15.33 -6.86 -0.25
CA GLY A 137 -14.58 -7.14 0.96
C GLY A 137 -13.18 -6.54 0.95
N PHE A 138 -12.49 -6.64 -0.19
CA PHE A 138 -11.17 -6.01 -0.30
C PHE A 138 -11.26 -4.51 -0.08
N GLY A 139 -12.31 -3.89 -0.61
CA GLY A 139 -12.50 -2.46 -0.40
C GLY A 139 -12.73 -2.13 1.05
N LEU A 140 -13.54 -2.92 1.74
CA LEU A 140 -13.72 -2.77 3.19
C LEU A 140 -12.39 -2.89 3.93
N GLN A 141 -11.57 -3.87 3.56
CA GLN A 141 -10.28 -4.03 4.21
C GLN A 141 -9.40 -2.79 4.04
N VAL A 142 -9.34 -2.25 2.81
CA VAL A 142 -8.57 -1.03 2.57
C VAL A 142 -9.12 0.11 3.40
N ALA A 143 -10.45 0.22 3.49
CA ALA A 143 -11.06 1.28 4.29
C ALA A 143 -10.64 1.18 5.75
N LYS A 144 -10.56 -0.05 6.28
CA LYS A 144 -10.15 -0.24 7.66
C LYS A 144 -8.69 0.16 7.86
N GLY A 145 -7.82 -0.20 6.92
CA GLY A 145 -6.44 0.22 7.02
C GLY A 145 -6.30 1.74 6.96
N MET A 146 -7.09 2.38 6.09
CA MET A 146 -7.01 3.83 5.96
C MET A 146 -7.62 4.53 7.17
N LYS A 147 -8.65 3.94 7.78
CA LYS A 147 -9.20 4.48 9.02
C LYS A 147 -8.12 4.52 10.10
N TYR A 148 -7.32 3.45 10.19
CA TYR A 148 -6.22 3.41 11.14
C TYR A 148 -5.18 4.49 10.82
N LEU A 149 -4.76 4.57 9.56
CA LEU A 149 -3.73 5.54 9.19
C LEU A 149 -4.21 6.97 9.42
N ALA A 150 -5.45 7.27 9.05
CA ALA A 150 -5.99 8.61 9.30
C ALA A 150 -5.99 8.93 10.79
N SER A 151 -6.23 7.95 11.65
CA SER A 151 -6.21 8.19 13.09
C SER A 151 -4.81 8.51 13.59
N LYS A 152 -3.78 8.07 12.88
CA LYS A 152 -2.39 8.41 13.21
C LYS A 152 -1.92 9.67 12.50
N LYS A 153 -2.84 10.36 11.80
CA LYS A 153 -2.52 11.57 11.04
C LYS A 153 -1.53 11.27 9.91
N PHE A 154 -1.56 10.05 9.38
CA PHE A 154 -0.72 9.68 8.26
C PHE A 154 -1.50 9.88 6.95
N VAL A 155 -0.96 10.73 6.08
CA VAL A 155 -1.54 11.00 4.76
C VAL A 155 -0.78 10.17 3.74
N HIS A 156 -1.50 9.31 3.04
CA HIS A 156 -0.85 8.31 2.18
C HIS A 156 -0.27 8.95 0.92
N ARG A 157 -1.09 9.71 0.18
CA ARG A 157 -0.78 10.49 -1.01
C ARG A 157 -0.72 9.66 -2.30
N ASP A 158 -0.69 8.33 -2.24
CA ASP A 158 -0.70 7.52 -3.47
C ASP A 158 -1.53 6.25 -3.26
N LEU A 159 -2.71 6.40 -2.68
CA LEU A 159 -3.57 5.24 -2.51
C LEU A 159 -4.13 4.79 -3.86
N ALA A 160 -3.95 3.51 -4.18
CA ALA A 160 -4.35 2.93 -5.46
C ALA A 160 -4.25 1.43 -5.30
N ALA A 161 -4.99 0.69 -6.14
CA ALA A 161 -4.95 -0.77 -6.04
C ALA A 161 -3.54 -1.32 -6.24
N ARG A 162 -2.74 -0.65 -7.08
CA ARG A 162 -1.37 -1.10 -7.33
C ARG A 162 -0.49 -1.01 -6.09
N ASN A 163 -0.89 -0.22 -5.09
CA ASN A 163 -0.09 -0.03 -3.89
C ASN A 163 -0.60 -0.84 -2.70
N CYS A 164 -1.65 -1.63 -2.88
CA CYS A 164 -2.12 -2.54 -1.84
C CYS A 164 -1.64 -3.95 -2.17
N MET A 165 -1.39 -4.74 -1.13
N MET A 165 -1.43 -4.73 -1.11
CA MET A 165 -0.98 -6.11 -1.37
CA MET A 165 -0.90 -6.08 -1.18
C MET A 165 -1.88 -7.05 -0.59
C MET A 165 -1.93 -7.06 -0.61
N LEU A 166 -1.76 -8.33 -0.94
CA LEU A 166 -2.64 -9.38 -0.46
C LEU A 166 -1.77 -10.53 0.03
N ASP A 167 -1.97 -10.95 1.29
CA ASP A 167 -1.14 -12.01 1.87
C ASP A 167 -1.85 -13.37 1.75
N GLU A 168 -1.24 -14.39 2.38
CA GLU A 168 -1.71 -15.77 2.24
C GLU A 168 -3.11 -15.97 2.78
N LYS A 169 -3.51 -15.17 3.77
CA LYS A 169 -4.84 -15.25 4.37
C LYS A 169 -5.83 -14.34 3.67
N PHE A 170 -5.45 -13.79 2.51
CA PHE A 170 -6.25 -12.84 1.76
C PHE A 170 -6.60 -11.62 2.60
N THR A 171 -5.66 -11.22 3.44
CA THR A 171 -5.72 -9.95 4.14
C THR A 171 -5.05 -8.89 3.28
N VAL A 172 -5.75 -7.78 3.05
CA VAL A 172 -5.20 -6.66 2.27
C VAL A 172 -4.35 -5.79 3.18
N LYS A 173 -3.14 -5.47 2.73
CA LYS A 173 -2.25 -4.54 3.42
C LYS A 173 -2.12 -3.29 2.57
N VAL A 174 -2.54 -2.15 3.10
CA VAL A 174 -2.24 -0.87 2.47
C VAL A 174 -0.74 -0.65 2.49
N ALA A 175 -0.16 -0.29 1.35
CA ALA A 175 1.28 -0.16 1.25
C ALA A 175 1.62 0.97 0.26
N ASP A 176 2.90 1.10 -0.06
CA ASP A 176 3.34 2.08 -1.06
C ASP A 176 4.61 1.53 -1.69
N PHE A 177 4.54 1.20 -2.98
CA PHE A 177 5.72 0.66 -3.65
C PHE A 177 6.82 1.69 -3.81
N GLY A 178 6.50 2.97 -3.71
CA GLY A 178 7.50 4.03 -3.78
C GLY A 178 8.10 4.20 -5.17
N PRO A 200 0.35 10.91 -9.52
CA PRO A 200 -0.65 9.93 -9.95
C PRO A 200 -1.99 10.57 -10.24
N VAL A 201 -2.07 11.31 -11.35
CA VAL A 201 -3.17 12.27 -11.54
C VAL A 201 -4.53 11.59 -11.55
N LYS A 202 -4.62 10.34 -12.04
CA LYS A 202 -5.91 9.68 -12.13
C LYS A 202 -6.50 9.33 -10.76
N TRP A 203 -5.69 9.35 -9.71
CA TRP A 203 -6.17 9.08 -8.37
C TRP A 203 -6.25 10.33 -7.51
N MET A 204 -5.85 11.49 -8.03
CA MET A 204 -5.71 12.69 -7.22
C MET A 204 -7.01 13.46 -7.10
N ALA A 205 -7.25 14.00 -5.90
CA ALA A 205 -8.41 14.86 -5.70
C ALA A 205 -8.27 16.12 -6.55
N LEU A 206 -9.43 16.73 -6.84
CA LEU A 206 -9.46 17.95 -7.62
C LEU A 206 -8.54 19.03 -7.03
N GLU A 207 -8.60 19.23 -5.71
CA GLU A 207 -7.77 20.28 -5.11
C GLU A 207 -6.29 19.92 -5.17
N SER A 208 -5.95 18.63 -5.12
CA SER A 208 -4.54 18.24 -5.25
C SER A 208 -4.03 18.49 -6.67
N LEU A 209 -4.88 18.27 -7.67
CA LEU A 209 -4.49 18.60 -9.04
C LEU A 209 -4.22 20.09 -9.21
N GLN A 210 -4.96 20.93 -8.48
CA GLN A 210 -4.86 22.36 -8.64
C GLN A 210 -3.77 22.98 -7.78
N THR A 211 -3.50 22.41 -6.60
CA THR A 211 -2.61 23.02 -5.62
C THR A 211 -1.46 22.13 -5.18
N GLN A 212 -1.48 20.84 -5.51
CA GLN A 212 -0.48 19.86 -5.08
C GLN A 212 -0.44 19.69 -3.57
N LYS A 213 -1.54 20.02 -2.90
CA LYS A 213 -1.69 19.77 -1.47
C LYS A 213 -2.48 18.48 -1.25
N PHE A 214 -2.01 17.66 -0.33
CA PHE A 214 -2.61 16.37 -0.03
C PHE A 214 -3.03 16.31 1.43
N THR A 215 -4.19 15.70 1.69
CA THR A 215 -4.75 15.56 3.03
C THR A 215 -5.39 14.18 3.14
N THR A 216 -5.87 13.86 4.34
CA THR A 216 -6.70 12.66 4.49
C THR A 216 -7.94 12.73 3.60
N LYS A 217 -8.53 13.92 3.42
CA LYS A 217 -9.69 14.02 2.54
C LYS A 217 -9.33 13.79 1.08
N SER A 218 -8.08 14.09 0.67
CA SER A 218 -7.70 13.69 -0.68
C SER A 218 -7.34 12.21 -0.76
N ASP A 219 -6.91 11.60 0.35
CA ASP A 219 -6.85 10.14 0.40
C ASP A 219 -8.22 9.51 0.20
N VAL A 220 -9.27 10.14 0.73
CA VAL A 220 -10.64 9.61 0.56
C VAL A 220 -11.03 9.62 -0.92
N TRP A 221 -10.65 10.67 -1.64
CA TRP A 221 -10.87 10.70 -3.09
C TRP A 221 -10.19 9.51 -3.75
N SER A 222 -8.90 9.31 -3.43
CA SER A 222 -8.16 8.21 -4.03
C SER A 222 -8.79 6.87 -3.69
N PHE A 223 -9.30 6.72 -2.47
CA PHE A 223 -10.00 5.51 -2.09
C PHE A 223 -11.22 5.27 -2.98
N GLY A 224 -11.97 6.33 -3.29
CA GLY A 224 -13.07 6.17 -4.23
C GLY A 224 -12.63 5.59 -5.55
N VAL A 225 -11.50 6.09 -6.08
CA VAL A 225 -10.98 5.55 -7.33
C VAL A 225 -10.56 4.09 -7.14
N LEU A 226 -9.94 3.79 -6.00
CA LEU A 226 -9.54 2.41 -5.70
C LEU A 226 -10.74 1.48 -5.68
N LEU A 227 -11.84 1.91 -5.04
N LEU A 227 -11.85 1.92 -5.08
CA LEU A 227 -13.07 1.11 -5.07
CA LEU A 227 -13.07 1.13 -5.06
C LEU A 227 -13.53 0.85 -6.49
C LEU A 227 -13.59 0.87 -6.46
N TRP A 228 -13.46 1.88 -7.34
CA TRP A 228 -13.83 1.70 -8.75
C TRP A 228 -12.91 0.69 -9.41
N GLU A 229 -11.60 0.74 -9.14
CA GLU A 229 -10.68 -0.26 -9.65
C GLU A 229 -11.11 -1.65 -9.23
N LEU A 230 -11.43 -1.82 -7.94
CA LEU A 230 -11.85 -3.12 -7.46
C LEU A 230 -13.07 -3.63 -8.22
N MET A 231 -14.09 -2.79 -8.36
CA MET A 231 -15.35 -3.28 -8.93
C MET A 231 -15.29 -3.46 -10.44
N THR A 232 -14.24 -2.96 -11.10
CA THR A 232 -13.99 -3.26 -12.51
C THR A 232 -12.97 -4.36 -12.70
N ARG A 233 -12.55 -5.04 -11.62
CA ARG A 233 -11.49 -6.04 -11.67
C ARG A 233 -10.22 -5.47 -12.31
N GLY A 234 -9.88 -4.25 -11.91
CA GLY A 234 -8.60 -3.67 -12.27
C GLY A 234 -8.54 -2.98 -13.61
N ALA A 235 -9.67 -2.51 -14.13
CA ALA A 235 -9.63 -1.68 -15.32
C ALA A 235 -8.91 -0.37 -15.01
N PRO A 236 -8.18 0.18 -15.98
CA PRO A 236 -7.56 1.49 -15.76
C PRO A 236 -8.61 2.58 -15.75
N PRO A 237 -8.65 3.41 -14.71
CA PRO A 237 -9.59 4.53 -14.72
C PRO A 237 -9.18 5.54 -15.77
N TYR A 238 -10.17 6.21 -16.34
CA TYR A 238 -9.96 7.21 -17.38
C TYR A 238 -8.98 6.69 -18.44
N PRO A 239 -9.32 5.62 -19.16
CA PRO A 239 -8.34 5.04 -20.10
C PRO A 239 -7.89 5.97 -21.20
N ASP A 240 -8.71 6.98 -21.53
CA ASP A 240 -8.40 7.94 -22.58
C ASP A 240 -7.73 9.20 -22.05
N VAL A 241 -7.03 9.12 -20.92
CA VAL A 241 -6.56 10.32 -20.21
C VAL A 241 -5.66 11.18 -21.08
N ASN A 242 -4.92 10.59 -22.02
CA ASN A 242 -4.02 11.37 -22.85
C ASN A 242 -4.75 12.27 -23.83
N THR A 243 -6.05 12.08 -24.01
CA THR A 243 -6.84 12.82 -24.99
C THR A 243 -7.73 13.89 -24.36
N PHE A 244 -7.66 14.09 -23.05
CA PHE A 244 -8.45 15.13 -22.41
C PHE A 244 -7.73 15.55 -21.14
N ASP A 245 -8.22 16.62 -20.52
CA ASP A 245 -7.63 17.12 -19.29
C ASP A 245 -8.47 16.68 -18.10
N ILE A 246 -7.86 15.97 -17.16
CA ILE A 246 -8.64 15.43 -16.05
C ILE A 246 -9.14 16.55 -15.14
N THR A 247 -8.37 17.63 -14.96
CA THR A 247 -8.85 18.74 -14.15
C THR A 247 -10.12 19.35 -14.76
N VAL A 248 -10.11 19.60 -16.07
CA VAL A 248 -11.29 20.15 -16.74
C VAL A 248 -12.48 19.19 -16.58
N TYR A 249 -12.26 17.91 -16.86
CA TYR A 249 -13.28 16.87 -16.71
C TYR A 249 -13.92 16.93 -15.33
N LEU A 250 -13.10 17.00 -14.28
CA LEU A 250 -13.65 17.00 -12.93
C LEU A 250 -14.31 18.32 -12.59
N LEU A 251 -13.75 19.44 -13.05
CA LEU A 251 -14.35 20.74 -12.78
C LEU A 251 -15.74 20.85 -13.40
N GLN A 252 -15.97 20.17 -14.53
N GLN A 252 -15.97 20.16 -14.52
CA GLN A 252 -17.28 20.16 -15.17
CA GLN A 252 -17.26 20.15 -15.17
C GLN A 252 -18.27 19.24 -14.47
C GLN A 252 -18.17 19.06 -14.61
N GLY A 253 -17.83 18.51 -13.45
CA GLY A 253 -18.71 17.63 -12.70
C GLY A 253 -18.70 16.19 -13.13
N ARG A 254 -17.91 15.82 -14.14
CA ARG A 254 -17.91 14.45 -14.62
C ARG A 254 -17.12 13.55 -13.68
N ARG A 255 -17.57 12.30 -13.58
CA ARG A 255 -16.96 11.34 -12.68
C ARG A 255 -16.91 9.98 -13.36
N LEU A 256 -16.05 9.10 -12.85
CA LEU A 256 -16.01 7.72 -13.32
C LEU A 256 -17.41 7.11 -13.27
N LEU A 257 -17.75 6.36 -14.32
CA LEU A 257 -19.09 5.83 -14.45
C LEU A 257 -19.25 4.53 -13.67
N GLN A 258 -20.48 4.24 -13.28
CA GLN A 258 -20.75 3.10 -12.41
C GLN A 258 -20.32 1.80 -13.08
N PRO A 259 -19.49 0.98 -12.43
CA PRO A 259 -19.14 -0.31 -13.03
C PRO A 259 -20.36 -1.21 -13.16
N GLU A 260 -20.33 -2.05 -14.19
CA GLU A 260 -21.34 -3.08 -14.32
C GLU A 260 -21.25 -4.03 -13.13
N TYR A 261 -22.40 -4.46 -12.63
CA TYR A 261 -22.54 -5.34 -11.47
C TYR A 261 -22.15 -4.68 -10.15
N CYS A 262 -21.76 -3.41 -10.16
CA CYS A 262 -21.50 -2.70 -8.90
C CYS A 262 -22.83 -2.28 -8.27
N PRO A 263 -23.10 -2.68 -7.03
CA PRO A 263 -24.36 -2.28 -6.38
C PRO A 263 -24.51 -0.77 -6.34
N ASP A 264 -25.74 -0.30 -6.60
CA ASP A 264 -26.02 1.14 -6.57
C ASP A 264 -25.53 1.85 -5.31
N PRO A 265 -25.77 1.34 -4.10
CA PRO A 265 -25.27 2.05 -2.90
C PRO A 265 -23.75 2.15 -2.83
N LEU A 266 -23.03 1.19 -3.41
CA LEU A 266 -21.58 1.29 -3.42
C LEU A 266 -21.10 2.33 -4.42
N TYR A 267 -21.79 2.47 -5.54
CA TYR A 267 -21.45 3.56 -6.46
C TYR A 267 -21.74 4.91 -5.82
N GLU A 268 -22.81 5.01 -5.02
N GLU A 268 -22.82 5.00 -5.03
CA GLU A 268 -23.07 6.26 -4.33
CA GLU A 268 -23.09 6.23 -4.30
C GLU A 268 -21.96 6.58 -3.31
C GLU A 268 -21.95 6.57 -3.35
N VAL A 269 -21.38 5.55 -2.71
CA VAL A 269 -20.21 5.76 -1.86
C VAL A 269 -19.06 6.34 -2.67
N MET A 270 -18.80 5.76 -3.86
CA MET A 270 -17.76 6.29 -4.73
C MET A 270 -17.98 7.77 -5.02
N LEU A 271 -19.21 8.13 -5.38
CA LEU A 271 -19.51 9.52 -5.72
C LEU A 271 -19.29 10.45 -4.54
N LYS A 272 -19.62 10.00 -3.33
CA LYS A 272 -19.40 10.83 -2.15
C LYS A 272 -17.91 11.09 -1.93
N CYS A 273 -17.06 10.10 -2.23
CA CYS A 273 -15.63 10.26 -2.10
C CYS A 273 -15.07 11.29 -3.08
N TRP A 274 -15.77 11.57 -4.17
CA TRP A 274 -15.32 12.51 -5.18
C TRP A 274 -16.06 13.84 -5.10
N HIS A 275 -16.62 14.17 -3.94
CA HIS A 275 -17.24 15.48 -3.80
C HIS A 275 -16.20 16.57 -4.06
N PRO A 276 -16.56 17.63 -4.79
CA PRO A 276 -15.56 18.69 -5.03
C PRO A 276 -15.12 19.41 -3.78
N LYS A 277 -15.95 19.44 -2.74
CA LYS A 277 -15.58 20.04 -1.46
C LYS A 277 -14.98 18.96 -0.57
N ALA A 278 -13.71 19.11 -0.22
CA ALA A 278 -13.00 18.09 0.55
C ALA A 278 -13.72 17.76 1.85
N GLU A 279 -14.20 18.79 2.54
CA GLU A 279 -14.80 18.57 3.86
C GLU A 279 -16.12 17.81 3.78
N MET A 280 -16.75 17.78 2.59
CA MET A 280 -18.00 17.06 2.39
C MET A 280 -17.81 15.56 2.16
N ARG A 281 -16.57 15.12 1.91
CA ARG A 281 -16.32 13.70 1.69
C ARG A 281 -16.45 12.94 3.01
N PRO A 282 -16.87 11.67 2.95
CA PRO A 282 -16.97 10.88 4.18
C PRO A 282 -15.60 10.67 4.80
N SER A 283 -15.59 10.49 6.12
CA SER A 283 -14.39 10.04 6.78
C SER A 283 -14.18 8.56 6.50
N PHE A 284 -12.97 8.08 6.78
CA PHE A 284 -12.74 6.64 6.61
C PHE A 284 -13.53 5.83 7.63
N SER A 285 -13.80 6.40 8.81
N SER A 285 -13.77 6.40 8.82
CA SER A 285 -14.70 5.75 9.76
CA SER A 285 -14.65 5.73 9.77
C SER A 285 -16.09 5.58 9.15
C SER A 285 -16.04 5.52 9.19
N GLU A 286 -16.61 6.63 8.52
N GLU A 286 -16.60 6.55 8.55
CA GLU A 286 -17.91 6.53 7.85
CA GLU A 286 -17.90 6.42 7.92
C GLU A 286 -17.87 5.49 6.73
C GLU A 286 -17.86 5.44 6.76
N LEU A 287 -16.78 5.45 5.99
CA LEU A 287 -16.65 4.51 4.88
C LEU A 287 -16.61 3.06 5.37
N VAL A 288 -15.95 2.80 6.50
CA VAL A 288 -15.95 1.44 7.03
C VAL A 288 -17.37 1.03 7.39
N SER A 289 -18.11 1.91 8.05
N SER A 289 -18.12 1.92 8.05
CA SER A 289 -19.50 1.61 8.43
CA SER A 289 -19.48 1.59 8.45
C SER A 289 -20.36 1.39 7.20
C SER A 289 -20.39 1.38 7.23
N ARG A 290 -20.26 2.29 6.22
N ARG A 290 -20.27 2.24 6.22
CA ARG A 290 -21.13 2.21 5.04
CA ARG A 290 -21.16 2.16 5.07
C ARG A 290 -20.83 0.97 4.21
C ARG A 290 -20.84 0.93 4.22
N ILE A 291 -19.55 0.69 3.97
CA ILE A 291 -19.19 -0.47 3.14
C ILE A 291 -19.45 -1.77 3.89
N SER A 292 -19.25 -1.78 5.22
N SER A 292 -19.29 -1.79 5.22
CA SER A 292 -19.62 -2.96 6.01
CA SER A 292 -19.62 -2.99 5.98
C SER A 292 -21.10 -3.28 5.83
C SER A 292 -21.11 -3.30 5.88
N ALA A 293 -21.95 -2.26 5.86
CA ALA A 293 -23.38 -2.48 5.68
C ALA A 293 -23.68 -3.05 4.30
N ILE A 294 -23.02 -2.52 3.26
CA ILE A 294 -23.25 -3.00 1.90
C ILE A 294 -22.76 -4.43 1.73
N PHE A 295 -21.57 -4.73 2.28
CA PHE A 295 -21.05 -6.10 2.27
C PHE A 295 -22.00 -7.07 2.94
N SER A 296 -22.58 -6.67 4.07
N SER A 296 -22.58 -6.67 4.07
CA SER A 296 -23.41 -7.59 4.85
CA SER A 296 -23.40 -7.61 4.84
C SER A 296 -24.73 -7.92 4.17
C SER A 296 -24.70 -7.97 4.11
N THR A 297 -25.23 -7.07 3.29
CA THR A 297 -26.51 -7.32 2.65
C THR A 297 -26.40 -7.83 1.21
N PHE A 298 -25.19 -7.91 0.65
CA PHE A 298 -24.99 -8.54 -0.65
C PHE A 298 -24.71 -10.02 -0.41
N ILE A 299 -25.67 -10.87 -0.76
CA ILE A 299 -25.60 -12.29 -0.45
C ILE A 299 -25.16 -12.99 -1.73
N GLY A 300 -23.83 -13.09 -1.91
CA GLY A 300 -23.26 -13.77 -3.05
C GLY A 300 -22.08 -14.62 -2.63
N GLU A 301 -21.49 -15.30 -3.61
CA GLU A 301 -20.32 -16.13 -3.37
C GLU A 301 -19.16 -15.29 -2.84
N HIS A 302 -18.52 -15.75 -1.78
CA HIS A 302 -17.26 -15.13 -1.38
C HIS A 302 -16.41 -16.14 -0.62
N HIS A 303 -15.11 -15.84 -0.57
CA HIS A 303 -14.11 -16.82 -0.19
C HIS A 303 -13.18 -16.37 0.90
N HIS A 304 -13.04 -15.08 1.12
CA HIS A 304 -11.98 -14.55 1.96
C HIS A 304 -12.60 -13.95 3.21
N HIS A 305 -11.77 -13.87 4.24
CA HIS A 305 -12.15 -13.27 5.52
C HIS A 305 -11.81 -11.79 5.49
N HIS A 306 -12.83 -10.93 5.43
CA HIS A 306 -12.64 -9.49 5.33
C HIS A 306 -12.96 -8.74 6.63
C1 GOL B . -10.70 -15.04 -6.11
O1 GOL B . -10.74 -14.24 -4.96
C2 GOL B . -10.19 -16.43 -5.70
O2 GOL B . -10.11 -17.29 -6.79
C3 GOL B . -11.18 -16.94 -4.63
O3 GOL B . -10.53 -17.95 -3.93
C18 A1ATS C . 9.11 -4.39 -7.01
C13 A1ATS C . 6.29 -7.80 0.60
C12 A1ATS C . 6.73 -6.84 -0.31
C17 A1ATS C . 9.38 -4.71 -5.58
C16 A1ATS C . 8.68 -5.97 -5.14
C15 A1ATS C . 7.61 -5.16 -4.51
C11 A1ATS C . 6.43 -7.32 -1.61
C22 A1ATS C . 8.11 -4.20 -8.99
C21 A1ATS C . 9.86 -3.04 -10.25
C02 A1ATS C . 5.82 -2.79 -1.14
C03 A1ATS C . 5.93 -3.82 -2.06
C04 A1ATS C . 7.15 -4.45 -2.20
C06 A1ATS C . 6.64 -6.79 -2.93
C08 A1ATS C . 5.65 -8.66 -3.83
C09 A1ATS C . 5.45 -9.18 -2.56
C23 A1ATS C . 7.95 -4.67 -7.72
C24 A1ATS C . 8.53 -3.95 -4.62
C25 A1ATS C . 8.23 -4.09 -1.41
C27 A1ATS C . 8.12 -3.06 -0.49
C28 A1ATS C . 6.89 -2.45 -0.36
C30 A1ATS C . 7.68 -0.52 1.10
C31 A1ATS C . 7.16 0.63 1.94
C32 A1ATS C . 8.12 1.61 2.40
C33 A1ATS C . 7.68 2.78 3.21
C36 A1ATS C . 3.94 2.15 3.38
C38 A1ATS C . 2.17 3.59 3.33
C39 A1ATS C . 1.42 2.69 4.06
C41 A1ATS C . 1.95 1.48 4.47
C42 A1ATS C . 3.26 1.20 4.13
C43 A1ATS C . 5.70 0.77 2.22
F01 A1ATS C . 4.66 -2.12 -0.94
F26 A1ATS C . 9.41 -4.74 -1.56
F40 A1ATS C . 0.15 2.99 4.37
N05 A1ATS C . 7.30 -5.53 -3.17
N07 A1ATS C . 6.24 -7.49 -3.98
N10 A1ATS C . 5.85 -8.47 -1.47
N14 A1ATS C . 5.74 -8.81 -0.11
N19 A1ATS C . 9.94 -3.75 -7.85
N20 A1ATS C . 9.30 -3.66 -9.06
N29 A1ATS C . 6.64 -1.35 0.53
N34 A1ATS C . 6.25 2.93 3.51
N35 A1ATS C . 5.30 1.93 3.03
N37 A1ATS C . 3.42 3.30 3.02
O44 A1ATS C . 4.88 -0.01 1.85
O45 A1ATS C . 8.85 -0.69 0.95
#